data_4OBK
#
_entry.id   4OBK
#
_cell.length_a   50.945
_cell.length_b   58.412
_cell.length_c   61.457
_cell.angle_alpha   90.00
_cell.angle_beta   90.00
_cell.angle_gamma   90.00
#
_symmetry.space_group_name_H-M   'P 21 21 21'
#
loop_
_entity.id
_entity.type
_entity.pdbx_description
1 polymer 'HIV-1 Protease'
2 polymer 'p1-p6 peptide'
3 non-polymer GLYCEROL
4 non-polymer 1,2-ETHANEDIOL
5 non-polymer 'ACETATE ION'
6 water water
#
loop_
_entity_poly.entity_id
_entity_poly.type
_entity_poly.pdbx_seq_one_letter_code
_entity_poly.pdbx_strand_id
1 'polypeptide(L)'
;PQITLWKRPLVTIRIGGQLKEALLNTGADDTVLEEMNLPGKWKPKMIGGIGGFIKVRQYDQIPIEICGHKAIGTVLVGPT
PVNIIGRNLLTQIGCTLNF
;
A,B
2 'polypeptide(L)' RPGNFFQNRP C
#
# COMPACT_ATOMS: atom_id res chain seq x y z
N PRO A 1 -4.84 8.48 16.42
CA PRO A 1 -5.11 9.73 15.74
C PRO A 1 -5.95 9.47 14.49
N GLN A 2 -6.41 10.54 13.84
CA GLN A 2 -7.02 10.46 12.50
C GLN A 2 -6.01 11.03 11.51
N ILE A 3 -5.71 10.27 10.47
CA ILE A 3 -4.66 10.65 9.53
C ILE A 3 -5.27 10.75 8.14
N THR A 4 -5.20 11.92 7.53
CA THR A 4 -5.71 12.09 6.18
C THR A 4 -4.58 11.73 5.21
N LEU A 5 -4.87 11.74 3.92
CA LEU A 5 -3.96 11.11 2.94
C LEU A 5 -3.47 12.06 1.84
N TRP A 6 -3.53 13.36 2.11
CA TRP A 6 -2.90 14.34 1.23
C TRP A 6 -1.40 14.18 1.10
N LYS A 7 -0.76 13.75 2.17
CA LYS A 7 0.66 13.41 2.14
C LYS A 7 0.80 11.93 2.47
N ARG A 8 1.98 11.36 2.21
CA ARG A 8 2.23 10.01 2.71
C ARG A 8 2.05 9.89 4.22
N PRO A 9 1.40 8.79 4.65
CA PRO A 9 1.12 8.61 6.09
C PRO A 9 2.30 8.01 6.84
N LEU A 10 3.26 8.88 7.12
CA LEU A 10 4.51 8.51 7.76
C LEU A 10 4.38 8.73 9.26
N VAL A 11 4.95 7.79 10.01
CA VAL A 11 4.97 7.90 11.46
C VAL A 11 6.33 7.47 11.98
N THR A 12 6.64 7.79 13.23
CA THR A 12 7.84 7.30 13.86
C THR A 12 7.56 5.96 14.54
N ILE A 13 8.51 5.04 14.38
CA ILE A 13 8.44 3.77 15.04
C ILE A 13 9.68 3.63 15.90
N ARG A 14 9.61 2.75 16.90
CA ARG A 14 10.77 2.33 17.66
C ARG A 14 10.92 0.82 17.60
N ILE A 15 12.09 0.34 17.24
CA ILE A 15 12.31 -1.08 17.03
C ILE A 15 13.73 -1.41 17.37
N GLY A 16 13.91 -2.44 18.19
CA GLY A 16 15.23 -2.80 18.67
C GLY A 16 15.96 -1.64 19.32
N GLY A 17 15.22 -0.70 19.91
CA GLY A 17 15.81 0.45 20.59
C GLY A 17 16.01 1.69 19.75
N GLN A 18 15.81 1.54 18.44
CA GLN A 18 16.13 2.61 17.51
C GLN A 18 14.85 3.24 16.96
N LEU A 19 14.91 4.55 16.66
CA LEU A 19 13.82 5.23 15.97
C LEU A 19 14.02 5.26 14.46
N LYS A 20 12.92 5.02 13.75
CA LYS A 20 12.85 5.11 12.29
C LYS A 20 11.52 5.71 11.83
N GLU A 21 11.43 6.10 10.57
CA GLU A 21 10.20 6.59 9.98
C GLU A 21 9.63 5.46 9.14
N ALA A 22 8.33 5.22 9.24
CA ALA A 22 7.70 4.17 8.43
C ALA A 22 6.35 4.63 7.86
N LEU A 23 5.96 4.00 6.77
CA LEU A 23 4.71 4.33 6.09
C LEU A 23 3.60 3.39 6.51
N LEU A 24 2.46 3.93 6.95
CA LEU A 24 1.28 3.11 7.25
C LEU A 24 0.60 2.65 5.95
N ASN A 25 0.64 1.36 5.68
CA ASN A 25 0.37 0.84 4.33
C ASN A 25 -0.70 -0.24 4.32
N THR A 26 -1.92 0.17 4.05
CA THR A 26 -3.02 -0.79 3.95
C THR A 26 -2.92 -1.74 2.77
N GLY A 27 -2.00 -1.45 1.83
CA GLY A 27 -1.81 -2.28 0.67
C GLY A 27 -0.73 -3.32 0.85
N ALA A 28 -0.21 -3.48 2.07
CA ALA A 28 0.79 -4.48 2.34
C ALA A 28 0.26 -5.51 3.31
N ASP A 29 0.43 -6.78 3.00
CA ASP A 29 0.06 -7.84 3.93
C ASP A 29 0.95 -7.78 5.16
N ASP A 30 2.22 -7.47 4.93
CA ASP A 30 3.28 -7.69 5.92
C ASP A 30 4.04 -6.37 6.13
N THR A 31 4.76 -6.32 7.24
CA THR A 31 5.62 -5.21 7.58
C THR A 31 7.05 -5.48 7.05
N VAL A 32 7.61 -4.50 6.34
CA VAL A 32 8.90 -4.68 5.67
C VAL A 32 9.77 -3.46 5.97
N LEU A 33 10.91 -3.71 6.62
CA LEU A 33 11.82 -2.62 6.94
C LEU A 33 13.07 -2.71 6.06
N GLU A 34 13.68 -1.56 5.83
CA GLU A 34 14.94 -1.47 5.10
C GLU A 34 16.01 -2.22 5.87
N GLU A 35 17.06 -2.64 5.16
CA GLU A 35 18.12 -3.46 5.78
C GLU A 35 18.55 -2.86 7.10
N MET A 36 18.57 -3.72 8.10
CA MET A 36 18.95 -3.34 9.45
C MET A 36 19.29 -4.65 10.19
N ASN A 37 19.97 -4.53 11.32
CA ASN A 37 20.18 -5.64 12.22
C ASN A 37 19.05 -5.72 13.22
N LEU A 38 18.55 -6.93 13.43
CA LEU A 38 17.63 -7.23 14.54
C LEU A 38 18.13 -8.45 15.27
N PRO A 39 17.88 -8.52 16.58
CA PRO A 39 18.35 -9.66 17.35
C PRO A 39 17.50 -10.90 17.04
N GLY A 40 18.12 -12.07 17.22
CA GLY A 40 17.37 -13.32 17.20
C GLY A 40 17.40 -14.01 15.87
N LYS A 41 16.65 -15.11 15.78
CA LYS A 41 16.76 -16.01 14.64
C LYS A 41 15.87 -15.44 13.57
N TRP A 42 16.20 -15.77 12.32
CA TRP A 42 15.36 -15.35 11.22
C TRP A 42 15.37 -16.47 10.19
N LYS A 43 14.42 -16.41 9.27
CA LYS A 43 14.35 -17.35 8.17
C LYS A 43 14.33 -16.56 6.86
N PRO A 44 14.92 -17.10 5.79
CA PRO A 44 14.75 -16.49 4.46
C PRO A 44 13.32 -16.64 3.95
N LYS A 45 12.78 -15.58 3.35
CA LYS A 45 11.43 -15.59 2.79
C LYS A 45 11.47 -14.77 1.50
N MET A 46 10.47 -14.91 0.66
CA MET A 46 10.31 -14.01 -0.49
C MET A 46 8.96 -13.33 -0.39
N ILE A 47 8.87 -12.10 -0.88
CA ILE A 47 7.62 -11.38 -0.93
C ILE A 47 7.52 -10.67 -2.26
N GLY A 48 6.30 -10.30 -2.65
CA GLY A 48 6.06 -9.65 -3.95
C GLY A 48 5.61 -8.22 -3.76
N GLY A 49 5.87 -7.38 -4.74
CA GLY A 49 5.32 -6.03 -4.75
C GLY A 49 4.94 -5.66 -6.16
N ILE A 50 4.86 -4.36 -6.41
CA ILE A 50 4.39 -3.86 -7.67
C ILE A 50 5.34 -4.26 -8.79
N GLY A 51 6.64 -4.33 -8.49
CA GLY A 51 7.66 -4.52 -9.53
C GLY A 51 8.12 -5.96 -9.68
N GLY A 52 7.71 -6.83 -8.75
CA GLY A 52 8.12 -8.25 -8.72
C GLY A 52 8.50 -8.67 -7.30
N PHE A 53 9.30 -9.72 -7.19
CA PHE A 53 9.60 -10.37 -5.93
C PHE A 53 10.99 -10.06 -5.42
N ILE A 54 11.12 -10.04 -4.09
CA ILE A 54 12.42 -9.82 -3.47
C ILE A 54 12.61 -10.82 -2.34
N LYS A 55 13.87 -11.00 -1.97
CA LYS A 55 14.23 -11.80 -0.81
C LYS A 55 14.33 -10.96 0.45
N VAL A 56 13.77 -11.46 1.55
CA VAL A 56 13.81 -10.78 2.84
C VAL A 56 14.17 -11.77 3.94
N ARG A 57 14.52 -11.24 5.10
CA ARG A 57 14.72 -12.02 6.32
C ARG A 57 13.48 -11.90 7.20
N GLN A 58 12.92 -13.01 7.64
CA GLN A 58 11.74 -12.97 8.48
C GLN A 58 12.11 -13.17 9.94
N TYR A 59 11.78 -12.18 10.77
CA TYR A 59 11.98 -12.25 12.20
C TYR A 59 10.60 -12.34 12.86
N ASP A 60 10.39 -13.34 13.72
CA ASP A 60 9.11 -13.47 14.41
C ASP A 60 9.06 -12.81 15.79
N GLN A 61 7.87 -12.36 16.15
CA GLN A 61 7.61 -11.95 17.52
C GLN A 61 8.52 -10.82 17.99
N ILE A 62 8.67 -9.82 17.14
CA ILE A 62 9.50 -8.66 17.41
C ILE A 62 8.60 -7.54 17.95
N PRO A 63 8.99 -6.98 19.10
CA PRO A 63 8.28 -5.80 19.59
C PRO A 63 8.60 -4.54 18.78
N ILE A 64 7.56 -3.77 18.47
CA ILE A 64 7.69 -2.50 17.75
CA ILE A 64 7.73 -2.51 17.76
C ILE A 64 6.70 -1.52 18.31
N GLU A 65 7.12 -0.28 18.52
CA GLU A 65 6.16 0.76 18.93
C GLU A 65 5.89 1.68 17.74
N ILE A 66 4.62 1.79 17.37
CA ILE A 66 4.19 2.49 16.17
C ILE A 66 3.34 3.68 16.56
N CYS A 67 3.86 4.90 16.39
CA CYS A 67 3.15 6.10 16.75
C CYS A 67 2.58 5.95 18.17
N GLY A 68 3.38 5.46 19.10
CA GLY A 68 2.98 5.33 20.49
C GLY A 68 2.23 4.07 20.88
N HIS A 69 1.88 3.21 19.92
CA HIS A 69 1.12 2.00 20.20
C HIS A 69 2.04 0.79 20.05
N LYS A 70 1.96 -0.12 21.01
CA LYS A 70 2.79 -1.33 21.03
C LYS A 70 2.20 -2.45 20.17
N ALA A 71 3.10 -3.12 19.46
CA ALA A 71 2.77 -4.31 18.67
C ALA A 71 3.89 -5.30 18.86
N ILE A 72 3.61 -6.58 18.68
CA ILE A 72 4.64 -7.60 18.73
C ILE A 72 4.30 -8.58 17.64
N GLY A 73 5.12 -8.68 16.60
CA GLY A 73 4.78 -9.60 15.55
C GLY A 73 5.89 -9.69 14.54
N THR A 74 5.53 -10.18 13.37
CA THR A 74 6.51 -10.53 12.35
C THR A 74 6.99 -9.29 11.66
N VAL A 75 8.30 -9.21 11.46
CA VAL A 75 8.93 -8.10 10.77
C VAL A 75 9.85 -8.69 9.69
N LEU A 76 9.70 -8.23 8.46
CA LEU A 76 10.55 -8.63 7.35
C LEU A 76 11.58 -7.52 7.10
N VAL A 77 12.80 -7.92 6.81
CA VAL A 77 13.87 -6.98 6.57
C VAL A 77 14.46 -7.26 5.21
N GLY A 78 14.57 -6.22 4.39
CA GLY A 78 15.08 -6.43 3.05
C GLY A 78 15.08 -5.15 2.22
N PRO A 79 15.38 -5.28 0.92
CA PRO A 79 15.52 -4.13 0.04
C PRO A 79 14.20 -3.50 -0.40
N THR A 80 13.38 -3.10 0.56
CA THR A 80 12.25 -2.24 0.28
C THR A 80 12.73 -0.79 0.15
N PRO A 81 12.09 0.01 -0.72
CA PRO A 81 12.50 1.42 -0.83
C PRO A 81 12.22 2.30 0.38
N VAL A 82 11.25 1.90 1.19
CA VAL A 82 10.83 2.69 2.34
C VAL A 82 10.39 1.69 3.41
N ASN A 83 10.50 2.08 4.67
CA ASN A 83 9.97 1.22 5.74
C ASN A 83 8.46 1.22 5.70
N ILE A 84 7.88 0.02 5.72
CA ILE A 84 6.44 -0.15 5.53
C ILE A 84 5.82 -0.89 6.71
N ILE A 85 4.77 -0.33 7.32
CA ILE A 85 3.98 -1.06 8.31
C ILE A 85 2.74 -1.60 7.62
N GLY A 86 2.66 -2.93 7.57
CA GLY A 86 1.59 -3.60 6.88
C GLY A 86 0.47 -4.02 7.81
N ARG A 87 -0.49 -4.71 7.23
CA ARG A 87 -1.69 -5.05 7.95
C ARG A 87 -1.46 -5.92 9.18
N ASN A 88 -0.45 -6.79 9.12
CA ASN A 88 -0.16 -7.65 10.26
C ASN A 88 0.01 -6.84 11.55
N LEU A 89 0.61 -5.66 11.47
CA LEU A 89 0.78 -4.81 12.62
C LEU A 89 -0.26 -3.70 12.72
N LEU A 90 -0.82 -3.27 11.59
CA LEU A 90 -1.90 -2.28 11.64
C LEU A 90 -3.11 -2.79 12.43
N THR A 91 -3.41 -4.07 12.30
CA THR A 91 -4.49 -4.67 13.06
C THR A 91 -4.20 -4.72 14.57
N GLN A 92 -2.93 -4.89 14.93
CA GLN A 92 -2.58 -4.92 16.35
C GLN A 92 -2.80 -3.58 17.02
N ILE A 93 -2.65 -2.47 16.30
CA ILE A 93 -2.76 -1.16 16.89
C ILE A 93 -4.13 -0.54 16.68
N GLY A 94 -5.01 -1.34 16.08
CA GLY A 94 -6.41 -0.96 15.97
C GLY A 94 -6.77 -0.05 14.82
N CYS A 95 -5.98 -0.10 13.74
CA CYS A 95 -6.16 0.78 12.61
C CYS A 95 -7.32 0.35 11.73
N THR A 96 -8.16 1.31 11.32
CA THR A 96 -9.16 1.09 10.28
C THR A 96 -9.10 2.20 9.22
N LEU A 97 -9.71 1.93 8.07
CA LEU A 97 -9.96 2.93 7.05
C LEU A 97 -11.41 3.40 7.20
N ASN A 98 -11.64 4.69 7.01
CA ASN A 98 -12.94 5.30 7.20
C ASN A 98 -13.21 6.33 6.13
N PHE A 99 -14.41 6.31 5.54
CA PHE A 99 -14.82 7.35 4.61
C PHE A 99 -16.33 7.47 4.59
N PRO B 1 -18.25 4.49 5.50
CA PRO B 1 -18.11 3.13 5.99
C PRO B 1 -16.79 2.96 6.69
N GLN B 2 -16.68 1.90 7.46
CA GLN B 2 -15.44 1.58 8.12
C GLN B 2 -14.96 0.27 7.52
N ILE B 3 -13.71 0.26 7.09
CA ILE B 3 -13.06 -0.94 6.60
C ILE B 3 -11.97 -1.37 7.59
N THR B 4 -12.10 -2.60 8.11
CA THR B 4 -11.07 -3.16 8.98
C THR B 4 -9.99 -3.79 8.10
N LEU B 5 -8.88 -4.19 8.71
CA LEU B 5 -7.71 -4.56 7.95
C LEU B 5 -7.32 -6.00 8.24
N TRP B 6 -8.25 -6.80 8.76
CA TRP B 6 -7.94 -8.19 8.97
C TRP B 6 -7.67 -8.89 7.63
N LYS B 7 -8.41 -8.50 6.61
CA LYS B 7 -8.24 -8.96 5.22
C LYS B 7 -7.81 -7.84 4.29
N ARG B 8 -7.30 -8.16 3.11
CA ARG B 8 -7.04 -7.13 2.12
C ARG B 8 -8.27 -6.23 1.96
N PRO B 9 -8.06 -4.89 1.99
CA PRO B 9 -9.25 -4.01 1.89
C PRO B 9 -9.66 -3.82 0.43
N LEU B 10 -10.30 -4.86 -0.08
CA LEU B 10 -10.86 -4.88 -1.42
C LEU B 10 -12.30 -4.40 -1.42
N VAL B 11 -12.56 -3.46 -2.31
CA VAL B 11 -13.89 -2.89 -2.49
C VAL B 11 -14.23 -2.87 -3.96
N THR B 12 -15.50 -2.67 -4.25
CA THR B 12 -15.96 -2.55 -5.62
C THR B 12 -15.78 -1.13 -6.15
N ILE B 13 -15.25 -1.03 -7.36
CA ILE B 13 -15.14 0.25 -8.00
C ILE B 13 -15.85 0.16 -9.35
N ARG B 14 -16.23 1.33 -9.85
CA ARG B 14 -16.83 1.41 -11.16
C ARG B 14 -15.98 2.32 -12.05
N ILE B 15 -15.57 1.81 -13.22
CA ILE B 15 -14.83 2.60 -14.18
C ILE B 15 -15.35 2.29 -15.59
N GLY B 16 -15.76 3.33 -16.30
CA GLY B 16 -16.51 3.15 -17.55
C GLY B 16 -17.84 2.46 -17.35
N GLY B 17 -18.45 2.60 -16.17
CA GLY B 17 -19.74 1.95 -15.95
C GLY B 17 -19.59 0.50 -15.54
N GLN B 18 -18.36 -0.01 -15.57
CA GLN B 18 -18.14 -1.44 -15.35
C GLN B 18 -17.50 -1.64 -13.99
N LEU B 19 -17.81 -2.78 -13.38
CA LEU B 19 -17.39 -3.04 -12.00
C LEU B 19 -16.14 -3.86 -11.89
N LYS B 20 -15.30 -3.50 -10.91
CA LYS B 20 -14.06 -4.23 -10.68
C LYS B 20 -13.82 -4.24 -9.19
N GLU B 21 -12.99 -5.15 -8.70
CA GLU B 21 -12.55 -5.10 -7.30
C GLU B 21 -11.19 -4.42 -7.24
N ALA B 22 -11.00 -3.59 -6.22
CA ALA B 22 -9.71 -2.92 -6.10
C ALA B 22 -9.32 -2.79 -4.64
N LEU B 23 -8.02 -2.71 -4.45
CA LEU B 23 -7.40 -2.62 -3.13
C LEU B 23 -7.19 -1.18 -2.72
N LEU B 24 -7.72 -0.81 -1.56
CA LEU B 24 -7.48 0.53 -1.01
C LEU B 24 -6.09 0.59 -0.40
N ASN B 25 -5.21 1.37 -1.00
CA ASN B 25 -3.81 1.29 -0.68
C ASN B 25 -3.24 2.64 -0.24
N THR B 26 -3.18 2.86 1.07
CA THR B 26 -2.60 4.10 1.61
C THR B 26 -1.10 4.21 1.33
N GLY B 27 -0.48 3.11 0.89
CA GLY B 27 0.93 3.11 0.53
C GLY B 27 1.17 3.33 -0.96
N ALA B 28 0.14 3.73 -1.70
CA ALA B 28 0.31 4.09 -3.10
C ALA B 28 0.02 5.58 -3.30
N ASP B 29 0.90 6.29 -3.98
CA ASP B 29 0.66 7.70 -4.28
C ASP B 29 -0.45 7.81 -5.35
N ASP B 30 -0.42 6.87 -6.30
CA ASP B 30 -1.28 6.92 -7.49
C ASP B 30 -2.13 5.65 -7.62
N THR B 31 -3.11 5.68 -8.48
CA THR B 31 -4.05 4.58 -8.70
C THR B 31 -3.68 3.83 -9.96
N VAL B 32 -3.57 2.50 -9.87
CA VAL B 32 -3.13 1.69 -11.02
CA VAL B 32 -3.14 1.72 -11.02
C VAL B 32 -4.09 0.52 -11.21
N LEU B 33 -4.58 0.38 -12.43
CA LEU B 33 -5.57 -0.65 -12.78
C LEU B 33 -4.90 -1.72 -13.60
N GLU B 34 -5.33 -2.96 -13.39
CA GLU B 34 -4.89 -4.07 -14.19
CA GLU B 34 -4.93 -4.08 -14.20
C GLU B 34 -5.20 -3.75 -15.66
N GLU B 35 -4.36 -4.29 -16.53
CA GLU B 35 -4.47 -4.06 -17.95
C GLU B 35 -5.91 -4.14 -18.46
N MET B 36 -6.31 -3.07 -19.14
CA MET B 36 -7.62 -2.95 -19.75
C MET B 36 -7.50 -1.95 -20.89
N ASN B 37 -8.32 -2.13 -21.92
CA ASN B 37 -8.17 -1.36 -23.14
CA ASN B 37 -8.16 -1.36 -23.13
C ASN B 37 -9.06 -0.11 -23.11
N LEU B 38 -8.68 0.85 -22.27
CA LEU B 38 -9.41 2.10 -22.05
C LEU B 38 -9.20 3.03 -23.24
N PRO B 39 -10.26 3.72 -23.66
CA PRO B 39 -10.08 4.67 -24.74
C PRO B 39 -9.46 5.94 -24.21
N GLY B 40 -8.87 6.70 -25.12
CA GLY B 40 -8.39 8.03 -24.77
C GLY B 40 -6.90 8.19 -24.96
N LYS B 41 -6.44 9.42 -24.82
CA LYS B 41 -5.01 9.70 -24.95
C LYS B 41 -4.35 9.31 -23.65
N TRP B 42 -3.09 8.89 -23.76
CA TRP B 42 -2.32 8.51 -22.58
C TRP B 42 -0.87 8.88 -22.75
N LYS B 43 -0.14 8.89 -21.65
CA LYS B 43 1.29 9.04 -21.74
C LYS B 43 2.01 7.96 -20.96
N PRO B 44 3.19 7.54 -21.44
CA PRO B 44 3.94 6.48 -20.78
C PRO B 44 4.51 6.96 -19.45
N LYS B 45 4.55 6.06 -18.48
CA LYS B 45 5.11 6.39 -17.18
C LYS B 45 5.66 5.11 -16.56
N MET B 46 6.61 5.26 -15.63
CA MET B 46 7.09 4.14 -14.82
CA MET B 46 7.08 4.11 -14.85
C MET B 46 6.73 4.33 -13.38
N ILE B 47 6.21 3.27 -12.75
CA ILE B 47 5.91 3.33 -11.33
C ILE B 47 6.71 2.27 -10.63
N GLY B 48 7.09 2.57 -9.39
CA GLY B 48 8.02 1.74 -8.69
C GLY B 48 7.58 1.42 -7.29
N GLY B 49 8.11 0.32 -6.78
CA GLY B 49 7.95 -0.03 -5.37
C GLY B 49 8.77 -1.25 -5.08
N ILE B 50 8.26 -2.14 -4.24
CA ILE B 50 8.99 -3.37 -3.96
C ILE B 50 9.15 -4.19 -5.24
N GLY B 51 10.39 -4.53 -5.53
CA GLY B 51 10.68 -5.38 -6.68
C GLY B 51 11.07 -4.60 -7.91
N GLY B 52 10.99 -3.28 -7.85
CA GLY B 52 11.40 -2.48 -8.99
C GLY B 52 10.25 -1.74 -9.64
N PHE B 53 10.39 -1.53 -10.96
CA PHE B 53 9.45 -0.64 -11.66
C PHE B 53 8.68 -1.42 -12.71
N ILE B 54 7.51 -0.91 -13.06
CA ILE B 54 6.75 -1.39 -14.22
C ILE B 54 6.32 -0.19 -15.10
N LYS B 55 6.14 -0.50 -16.38
CA LYS B 55 5.68 0.43 -17.39
C LYS B 55 4.17 0.50 -17.37
N VAL B 56 3.62 1.69 -17.30
CA VAL B 56 2.16 1.88 -17.31
C VAL B 56 1.77 3.00 -18.26
N ARG B 57 0.47 3.08 -18.52
CA ARG B 57 -0.13 4.12 -19.33
C ARG B 57 -0.90 5.09 -18.44
N GLN B 58 -0.61 6.38 -18.55
CA GLN B 58 -1.23 7.38 -17.67
C GLN B 58 -2.39 8.07 -18.39
N TYR B 59 -3.62 7.93 -17.88
CA TYR B 59 -4.79 8.58 -18.42
C TYR B 59 -5.23 9.69 -17.46
N ASP B 60 -5.71 10.81 -17.97
CA ASP B 60 -6.09 11.89 -17.07
C ASP B 60 -7.61 12.10 -17.01
N GLN B 61 -8.07 12.58 -15.85
CA GLN B 61 -9.46 13.02 -15.65
C GLN B 61 -10.45 11.92 -16.04
N ILE B 62 -10.17 10.75 -15.49
CA ILE B 62 -11.03 9.58 -15.64
C ILE B 62 -11.98 9.50 -14.44
N PRO B 63 -13.30 9.48 -14.69
CA PRO B 63 -14.22 9.28 -13.55
C PRO B 63 -14.15 7.85 -13.03
N ILE B 64 -14.20 7.72 -11.70
CA ILE B 64 -14.21 6.43 -11.05
C ILE B 64 -15.28 6.53 -9.97
N GLU B 65 -15.88 5.42 -9.56
CA GLU B 65 -16.65 5.46 -8.32
C GLU B 65 -16.11 4.36 -7.41
N ILE B 66 -15.84 4.71 -6.15
CA ILE B 66 -15.23 3.84 -5.18
C ILE B 66 -16.26 3.60 -4.07
N CYS B 67 -16.75 2.37 -3.97
CA CYS B 67 -17.80 2.06 -2.98
C CYS B 67 -18.91 3.09 -3.03
N GLY B 68 -19.31 3.49 -4.22
CA GLY B 68 -20.41 4.45 -4.39
C GLY B 68 -20.04 5.91 -4.26
N HIS B 69 -18.79 6.20 -3.91
CA HIS B 69 -18.33 7.60 -3.79
C HIS B 69 -17.63 8.00 -5.06
N LYS B 70 -18.01 9.14 -5.66
CA LYS B 70 -17.47 9.52 -6.97
C LYS B 70 -16.14 10.23 -6.82
N ALA B 71 -15.26 9.96 -7.78
CA ALA B 71 -13.94 10.56 -7.87
C ALA B 71 -13.59 10.78 -9.35
N ILE B 72 -12.59 11.62 -9.59
CA ILE B 72 -12.13 11.86 -10.94
C ILE B 72 -10.67 12.25 -10.90
N GLY B 73 -9.84 11.57 -11.66
CA GLY B 73 -8.45 11.99 -11.68
C GLY B 73 -7.64 11.06 -12.55
N THR B 74 -6.36 11.02 -12.23
CA THR B 74 -5.41 10.26 -13.02
C THR B 74 -5.47 8.80 -12.69
N VAL B 75 -5.53 8.00 -13.73
CA VAL B 75 -5.59 6.56 -13.62
C VAL B 75 -4.52 5.93 -14.48
N LEU B 76 -3.69 5.11 -13.86
CA LEU B 76 -2.65 4.38 -14.54
C LEU B 76 -3.13 2.96 -14.88
N VAL B 77 -2.67 2.43 -16.01
CA VAL B 77 -3.08 1.10 -16.45
C VAL B 77 -1.82 0.36 -16.87
N GLY B 78 -1.66 -0.83 -16.32
CA GLY B 78 -0.56 -1.70 -16.69
C GLY B 78 -0.59 -3.02 -15.95
N PRO B 79 0.52 -3.77 -16.03
CA PRO B 79 0.58 -5.12 -15.50
C PRO B 79 0.88 -5.13 -13.99
N THR B 80 0.05 -4.40 -13.25
CA THR B 80 -0.10 -4.62 -11.82
C THR B 80 -0.79 -5.97 -11.56
N PRO B 81 -0.43 -6.62 -10.44
CA PRO B 81 -1.11 -7.86 -10.07
C PRO B 81 -2.56 -7.70 -9.58
N VAL B 82 -2.89 -6.52 -9.09
CA VAL B 82 -4.23 -6.24 -8.58
C VAL B 82 -4.58 -4.79 -8.86
N ASN B 83 -5.86 -4.45 -8.99
CA ASN B 83 -6.26 -3.07 -9.10
C ASN B 83 -6.02 -2.35 -7.78
N ILE B 84 -5.38 -1.20 -7.86
CA ILE B 84 -4.97 -0.45 -6.65
C ILE B 84 -5.50 0.97 -6.70
N ILE B 85 -6.20 1.32 -5.64
CA ILE B 85 -6.62 2.70 -5.41
C ILE B 85 -5.62 3.37 -4.51
N GLY B 86 -5.05 4.45 -5.04
CA GLY B 86 -4.04 5.20 -4.31
C GLY B 86 -4.54 6.50 -3.73
N ARG B 87 -3.63 7.26 -3.11
CA ARG B 87 -4.04 8.43 -2.37
C ARG B 87 -4.66 9.52 -3.22
N ASN B 88 -4.29 9.61 -4.50
CA ASN B 88 -4.86 10.65 -5.36
C ASN B 88 -6.38 10.56 -5.46
N LEU B 89 -6.91 9.36 -5.32
CA LEU B 89 -8.37 9.16 -5.28
C LEU B 89 -8.94 8.96 -3.88
N LEU B 90 -8.18 8.34 -2.98
CA LEU B 90 -8.62 8.17 -1.59
C LEU B 90 -8.92 9.52 -0.95
N THR B 91 -8.14 10.55 -1.26
CA THR B 91 -8.38 11.88 -0.72
C THR B 91 -9.69 12.49 -1.19
N GLN B 92 -10.12 12.17 -2.40
CA GLN B 92 -11.35 12.69 -2.98
C GLN B 92 -12.60 12.15 -2.33
N ILE B 93 -12.51 10.95 -1.76
CA ILE B 93 -13.64 10.31 -1.12
C ILE B 93 -13.56 10.45 0.40
N GLY B 94 -12.61 11.26 0.86
CA GLY B 94 -12.47 11.63 2.27
C GLY B 94 -12.01 10.51 3.16
N CYS B 95 -11.14 9.65 2.63
CA CYS B 95 -10.64 8.48 3.36
CA CYS B 95 -10.65 8.49 3.35
C CYS B 95 -9.61 8.89 4.40
N THR B 96 -9.74 8.33 5.60
CA THR B 96 -8.74 8.53 6.65
C THR B 96 -8.35 7.21 7.26
N LEU B 97 -7.16 7.19 7.86
CA LEU B 97 -6.74 6.09 8.73
C LEU B 97 -7.01 6.52 10.15
N ASN B 98 -7.57 5.63 10.93
CA ASN B 98 -7.92 5.96 12.31
C ASN B 98 -7.38 4.87 13.22
N PHE B 99 -6.67 5.28 14.28
CA PHE B 99 -6.37 4.37 15.37
C PHE B 99 -6.29 5.08 16.72
N ARG C 1 9.75 9.13 -8.49
CA ARG C 1 10.35 8.37 -7.34
C ARG C 1 9.38 7.26 -6.94
N PRO C 2 9.91 6.16 -6.36
CA PRO C 2 9.02 5.03 -6.14
C PRO C 2 7.88 5.42 -5.22
N GLY C 3 6.69 4.96 -5.57
CA GLY C 3 5.52 5.44 -4.88
C GLY C 3 4.39 4.46 -4.74
N ASN C 4 4.56 3.20 -5.11
CA ASN C 4 3.46 2.24 -4.94
C ASN C 4 3.96 1.04 -4.15
N PHE C 5 3.65 1.03 -2.86
CA PHE C 5 4.20 0.03 -1.98
C PHE C 5 3.25 -1.13 -1.64
N PHE C 6 2.44 -1.50 -2.62
CA PHE C 6 1.73 -2.77 -2.60
C PHE C 6 2.70 -3.87 -2.20
N GLN C 7 2.23 -4.78 -1.36
CA GLN C 7 3.03 -5.96 -1.02
C GLN C 7 2.17 -7.16 -0.72
N ASN C 8 2.56 -8.32 -1.24
CA ASN C 8 1.85 -9.57 -1.02
CA ASN C 8 1.83 -9.55 -1.01
C ASN C 8 2.78 -10.65 -0.48
N ARG C 9 2.24 -11.47 0.43
CA ARG C 9 2.93 -12.69 0.86
C ARG C 9 3.07 -13.60 -0.36
N PRO C 10 4.05 -14.53 -0.34
CA PRO C 10 4.80 -15.05 0.83
C PRO C 10 5.65 -14.06 1.62
#